data_3S2U
#
_entry.id   3S2U
#
_cell.length_a   49.930
_cell.length_b   49.930
_cell.length_c   278.620
_cell.angle_alpha   90.00
_cell.angle_beta   90.00
_cell.angle_gamma   90.00
#
_symmetry.space_group_name_H-M   'P 41 21 2'
#
loop_
_entity.id
_entity.type
_entity.pdbx_description
1 polymer 'UDP-N-acetylglucosamine--N-acetylmuramyl-(pentapeptide) pyrophosphoryl-undecaprenol N-acetylglucosamine transferase'
2 non-polymer URIDINE-DIPHOSPHATE-N-ACETYLGLUCOSAMINE
3 water water
#
_entity_poly.entity_id   1
_entity_poly.type   'polypeptide(L)'
_entity_poly.pdbx_seq_one_letter_code
;MKGNVLIMAGGTGGHVFPALACAREFQARGYAVHWLGTPRGIENDLVPKAGLPLHLIQVSGLRGKGLKSLVKAPLELLKS
LFQALRVIRQLRPVCVLGLGGYVTGPGGLAARLNGVPLVIHEQNAVAGTANRSLAPIARRVCEAFPDTFPASDKRLTTGN
PVRGELFLDAHARAPLTGRRVNLLVLGGSLGAEPLNKLLPEALAQVPLEIRPAIRHQAGRQHAEITAERYRTVAVEADVA
PFISDMAAAYAWADLVICRAGALTVSELTAAGLPAFLVPLPHAIDDHQTRNAEFLVRSGAGRLLPQKSTGAAELAAQLSE
VLMHPETLRSMADQARSLAKPEATRTVVDACLEVARGLEHHHHHH
;
_entity_poly.pdbx_strand_id   A
#
# COMPACT_ATOMS: atom_id res chain seq x y z
N GLY A 3 -12.32 20.28 16.48
CA GLY A 3 -10.97 20.82 16.61
C GLY A 3 -9.95 20.29 15.64
N ASN A 4 -8.67 20.26 16.07
CA ASN A 4 -7.51 19.82 15.27
C ASN A 4 -7.11 18.36 15.50
N VAL A 5 -6.72 17.67 14.41
CA VAL A 5 -6.29 16.27 14.43
C VAL A 5 -4.86 16.17 13.89
N LEU A 6 -3.97 15.38 14.56
CA LEU A 6 -2.62 15.12 14.08
C LEU A 6 -2.47 13.69 13.54
N ILE A 7 -2.03 13.58 12.28
CA ILE A 7 -1.79 12.32 11.59
C ILE A 7 -0.27 12.20 11.37
N MET A 8 0.32 11.13 11.91
CA MET A 8 1.75 10.83 11.81
C MET A 8 1.95 9.68 10.85
N ALA A 9 2.66 9.94 9.74
CA ALA A 9 2.94 8.94 8.70
C ALA A 9 4.01 9.44 7.73
N GLY A 10 4.85 8.52 7.27
CA GLY A 10 5.92 8.83 6.32
C GLY A 10 6.67 7.63 5.76
N GLY A 11 7.65 7.96 4.91
CA GLY A 11 8.54 7.00 4.28
C GLY A 11 8.15 6.64 2.88
N THR A 12 7.28 5.63 2.76
CA THR A 12 6.77 5.09 1.51
C THR A 12 5.25 5.30 1.40
N GLY A 13 4.67 4.91 0.26
CA GLY A 13 3.23 4.99 -0.01
C GLY A 13 2.35 4.14 0.90
N GLY A 14 2.89 3.01 1.37
CA GLY A 14 2.20 2.08 2.27
C GLY A 14 1.74 2.66 3.61
N HIS A 15 2.41 3.76 4.04
CA HIS A 15 2.12 4.52 5.26
C HIS A 15 1.40 5.85 4.93
N VAL A 16 1.86 6.56 3.88
CA VAL A 16 1.32 7.86 3.46
C VAL A 16 -0.09 7.76 2.85
N PHE A 17 -0.33 6.83 1.90
CA PHE A 17 -1.67 6.67 1.32
C PHE A 17 -2.84 6.29 2.25
N PRO A 18 -2.72 5.36 3.24
CA PRO A 18 -3.89 5.09 4.10
C PRO A 18 -4.24 6.29 4.96
N ALA A 19 -3.20 7.10 5.28
CA ALA A 19 -3.27 8.31 6.07
C ALA A 19 -3.93 9.44 5.31
N LEU A 20 -3.62 9.60 3.99
CA LEU A 20 -4.25 10.61 3.11
C LEU A 20 -5.76 10.36 3.01
N ALA A 21 -6.18 9.06 3.01
CA ALA A 21 -7.58 8.63 3.00
C ALA A 21 -8.22 8.96 4.35
N CYS A 22 -7.47 8.82 5.48
CA CYS A 22 -7.98 9.14 6.81
C CYS A 22 -8.18 10.65 6.94
N ALA A 23 -7.22 11.43 6.39
CA ALA A 23 -7.20 12.90 6.35
C ALA A 23 -8.46 13.48 5.68
N ARG A 24 -8.94 12.82 4.59
CA ARG A 24 -10.16 13.21 3.84
C ARG A 24 -11.40 13.00 4.69
N GLU A 25 -11.46 11.87 5.44
CA GLU A 25 -12.56 11.50 6.32
C GLU A 25 -12.70 12.47 7.51
N PHE A 26 -11.57 12.82 8.20
CA PHE A 26 -11.57 13.78 9.31
C PHE A 26 -12.02 15.16 8.80
N GLN A 27 -11.66 15.49 7.53
CA GLN A 27 -12.00 16.77 6.90
C GLN A 27 -13.49 16.89 6.61
N ALA A 28 -14.12 15.81 6.13
CA ALA A 28 -15.56 15.78 5.83
C ALA A 28 -16.44 15.91 7.10
N ARG A 29 -15.89 15.50 8.26
CA ARG A 29 -16.55 15.54 9.56
C ARG A 29 -16.44 16.89 10.29
N GLY A 30 -15.67 17.83 9.70
CA GLY A 30 -15.49 19.18 10.22
C GLY A 30 -14.30 19.38 11.13
N TYR A 31 -13.21 18.60 10.93
CA TYR A 31 -11.98 18.69 11.72
C TYR A 31 -10.79 19.22 10.88
N ALA A 32 -9.91 19.99 11.53
CA ALA A 32 -8.72 20.52 10.86
C ALA A 32 -7.60 19.49 11.00
N VAL A 33 -7.12 18.96 9.86
CA VAL A 33 -6.06 17.95 9.83
C VAL A 33 -4.71 18.59 9.63
N HIS A 34 -3.75 18.18 10.46
CA HIS A 34 -2.35 18.58 10.44
C HIS A 34 -1.51 17.30 10.36
N TRP A 35 -0.42 17.33 9.60
CA TRP A 35 0.41 16.15 9.36
C TRP A 35 1.74 16.15 10.10
N LEU A 36 2.22 14.96 10.50
CA LEU A 36 3.52 14.81 11.17
C LEU A 36 4.50 13.93 10.35
N GLY A 37 5.54 14.56 9.80
CA GLY A 37 6.52 13.81 9.01
C GLY A 37 7.98 14.07 9.34
N THR A 38 8.86 13.51 8.51
CA THR A 38 10.32 13.71 8.58
C THR A 38 10.82 14.17 7.19
N PRO A 39 12.01 14.82 7.06
CA PRO A 39 12.50 15.17 5.70
C PRO A 39 12.81 13.91 4.89
N ARG A 40 13.19 14.08 3.61
CA ARG A 40 13.55 13.02 2.65
C ARG A 40 12.42 12.10 2.17
N GLY A 41 11.54 11.65 3.10
CA GLY A 41 10.39 10.80 2.82
C GLY A 41 9.43 11.25 1.74
N ILE A 42 8.49 10.37 1.32
CA ILE A 42 7.56 10.68 0.23
C ILE A 42 6.36 11.57 0.58
N GLU A 43 6.17 11.85 1.89
CA GLU A 43 5.13 12.76 2.38
C GLU A 43 5.44 14.21 1.93
N ASN A 44 6.72 14.47 1.64
CA ASN A 44 7.16 15.77 1.16
C ASN A 44 6.66 16.01 -0.28
N ASP A 45 6.43 14.92 -1.03
CA ASP A 45 5.88 14.98 -2.39
C ASP A 45 4.35 15.04 -2.38
N LEU A 46 3.70 14.18 -1.57
CA LEU A 46 2.25 13.98 -1.49
C LEU A 46 1.43 14.87 -0.56
N VAL A 47 1.88 15.06 0.69
CA VAL A 47 1.16 15.87 1.70
C VAL A 47 0.94 17.36 1.30
N PRO A 48 1.96 18.14 0.80
CA PRO A 48 1.68 19.54 0.39
C PRO A 48 0.68 19.65 -0.77
N LYS A 49 0.71 18.67 -1.69
CA LYS A 49 -0.18 18.52 -2.85
C LYS A 49 -1.63 18.32 -2.44
N ALA A 50 -1.87 17.71 -1.27
CA ALA A 50 -3.19 17.42 -0.71
C ALA A 50 -3.81 18.66 -0.04
N GLY A 51 -3.01 19.73 0.09
CA GLY A 51 -3.38 21.00 0.72
C GLY A 51 -3.33 20.93 2.23
N LEU A 52 -2.46 20.04 2.78
CA LEU A 52 -2.37 19.82 4.24
C LEU A 52 -1.07 20.33 4.88
N PRO A 53 -1.12 20.87 6.13
CA PRO A 53 0.10 21.38 6.76
C PRO A 53 1.05 20.26 7.18
N LEU A 54 2.28 20.35 6.71
CA LEU A 54 3.34 19.39 6.98
C LEU A 54 4.34 19.90 8.04
N HIS A 55 4.32 19.29 9.23
CA HIS A 55 5.21 19.59 10.35
C HIS A 55 6.30 18.51 10.35
N LEU A 56 7.55 18.92 10.07
CA LEU A 56 8.71 18.02 9.95
C LEU A 56 9.52 17.87 11.22
N ILE A 57 9.94 16.61 11.49
CA ILE A 57 10.72 16.14 12.65
C ILE A 57 12.02 15.52 12.12
N GLN A 58 13.12 15.61 12.89
CA GLN A 58 14.40 15.04 12.49
C GLN A 58 14.79 13.91 13.42
N ALA A 73 23.08 5.61 19.79
CA ALA A 73 22.67 6.99 19.50
C ALA A 73 21.29 7.36 20.11
N PRO A 74 21.21 7.61 21.44
CA PRO A 74 19.91 7.94 22.06
C PRO A 74 19.52 9.41 22.05
N LEU A 75 20.53 10.32 22.14
CA LEU A 75 20.35 11.77 22.12
C LEU A 75 19.68 12.24 20.83
N GLU A 76 19.75 11.43 19.76
CA GLU A 76 19.12 11.67 18.47
C GLU A 76 17.62 11.39 18.56
N LEU A 77 17.22 10.32 19.29
CA LEU A 77 15.82 9.97 19.54
C LEU A 77 15.11 11.03 20.37
N LEU A 78 15.81 11.63 21.35
CA LEU A 78 15.25 12.67 22.21
C LEU A 78 15.00 13.98 21.48
N LYS A 79 15.88 14.32 20.49
CA LYS A 79 15.78 15.50 19.60
C LYS A 79 14.46 15.42 18.84
N SER A 80 14.12 14.20 18.35
CA SER A 80 12.91 13.91 17.63
C SER A 80 11.67 14.06 18.54
N LEU A 81 11.82 13.70 19.84
CA LEU A 81 10.76 13.80 20.84
C LEU A 81 10.44 15.26 21.18
N PHE A 82 11.45 16.12 21.41
CA PHE A 82 11.28 17.55 21.74
C PHE A 82 10.47 18.27 20.67
N GLN A 83 10.86 18.10 19.40
CA GLN A 83 10.21 18.61 18.20
C GLN A 83 8.74 18.13 18.13
N ALA A 84 8.48 16.85 18.41
CA ALA A 84 7.14 16.26 18.40
C ALA A 84 6.30 16.80 19.56
N LEU A 85 6.89 16.93 20.77
CA LEU A 85 6.28 17.51 21.99
C LEU A 85 5.85 18.96 21.70
N ARG A 86 6.70 19.71 20.96
CA ARG A 86 6.44 21.09 20.52
C ARG A 86 5.24 21.12 19.56
N VAL A 87 5.24 20.27 18.50
CA VAL A 87 4.17 20.22 17.51
C VAL A 87 2.79 19.94 18.14
N ILE A 88 2.76 19.01 19.13
CA ILE A 88 1.53 18.65 19.84
C ILE A 88 1.08 19.79 20.78
N ARG A 89 2.05 20.42 21.47
CA ARG A 89 1.87 21.56 22.39
C ARG A 89 1.26 22.77 21.64
N GLN A 90 1.69 22.99 20.40
CA GLN A 90 1.21 24.05 19.53
C GLN A 90 -0.17 23.80 18.92
N LEU A 91 -0.50 22.56 18.59
CA LEU A 91 -1.77 22.21 17.95
C LEU A 91 -2.90 21.83 18.90
N ARG A 92 -2.59 21.46 20.16
CA ARG A 92 -3.55 20.99 21.18
C ARG A 92 -4.60 20.05 20.49
N PRO A 93 -4.16 18.96 19.81
CA PRO A 93 -5.13 18.14 19.08
C PRO A 93 -6.09 17.34 19.96
N VAL A 94 -7.28 17.03 19.41
CA VAL A 94 -8.29 16.23 20.09
C VAL A 94 -7.92 14.75 20.03
N CYS A 95 -7.21 14.35 18.97
CA CYS A 95 -6.71 13.00 18.79
C CYS A 95 -5.49 12.97 17.89
N VAL A 96 -4.61 11.97 18.10
CA VAL A 96 -3.40 11.77 17.32
C VAL A 96 -3.46 10.35 16.74
N LEU A 97 -3.34 10.22 15.41
CA LEU A 97 -3.38 8.93 14.73
C LEU A 97 -2.05 8.64 14.02
N GLY A 98 -1.41 7.53 14.40
CA GLY A 98 -0.16 7.05 13.84
C GLY A 98 -0.37 5.98 12.80
N LEU A 99 0.41 6.05 11.69
CA LEU A 99 0.27 5.11 10.57
C LEU A 99 1.53 4.40 10.06
N GLY A 100 2.69 4.75 10.59
CA GLY A 100 3.95 4.13 10.20
C GLY A 100 5.07 5.08 9.85
N GLY A 101 6.28 4.54 9.84
CA GLY A 101 7.52 5.27 9.57
C GLY A 101 8.29 5.53 10.84
N TYR A 102 9.38 6.31 10.74
CA TYR A 102 10.21 6.64 11.92
C TYR A 102 9.47 7.60 12.84
N VAL A 103 8.61 8.47 12.27
CA VAL A 103 7.83 9.52 12.92
C VAL A 103 6.89 9.10 14.08
N THR A 104 6.14 7.98 13.89
CA THR A 104 5.17 7.47 14.87
C THR A 104 5.74 7.11 16.25
N GLY A 105 6.95 6.59 16.29
CA GLY A 105 7.63 6.26 17.55
C GLY A 105 7.75 7.48 18.45
N PRO A 106 8.62 8.47 18.08
CA PRO A 106 8.72 9.71 18.90
C PRO A 106 7.44 10.56 18.91
N GLY A 107 6.62 10.48 17.86
CA GLY A 107 5.36 11.21 17.79
C GLY A 107 4.28 10.67 18.73
N GLY A 108 4.13 9.34 18.76
CA GLY A 108 3.15 8.63 19.59
C GLY A 108 3.41 8.77 21.07
N LEU A 109 4.70 8.83 21.48
CA LEU A 109 5.13 9.00 22.86
C LEU A 109 4.85 10.43 23.29
N ALA A 110 5.19 11.39 22.43
CA ALA A 110 4.93 12.82 22.64
C ALA A 110 3.45 13.07 22.93
N ALA A 111 2.54 12.37 22.19
CA ALA A 111 1.09 12.42 22.35
C ALA A 111 0.66 12.00 23.78
N ARG A 112 1.25 10.90 24.31
CA ARG A 112 0.97 10.42 25.67
C ARG A 112 1.49 11.39 26.74
N LEU A 113 2.73 11.90 26.57
CA LEU A 113 3.32 12.85 27.52
C LEU A 113 2.46 14.09 27.74
N ASN A 114 1.74 14.53 26.70
CA ASN A 114 0.85 15.70 26.75
C ASN A 114 -0.61 15.34 27.07
N GLY A 115 -0.86 14.06 27.35
CA GLY A 115 -2.18 13.53 27.72
C GLY A 115 -3.23 13.64 26.64
N VAL A 116 -2.78 13.63 25.37
CA VAL A 116 -3.62 13.71 24.18
C VAL A 116 -3.89 12.26 23.75
N PRO A 117 -5.18 11.84 23.57
CA PRO A 117 -5.46 10.45 23.17
C PRO A 117 -4.70 9.99 21.90
N LEU A 118 -4.28 8.71 21.88
CA LEU A 118 -3.53 8.13 20.76
C LEU A 118 -4.13 6.83 20.21
N VAL A 119 -4.25 6.76 18.87
CA VAL A 119 -4.73 5.59 18.13
C VAL A 119 -3.64 5.18 17.12
N ILE A 120 -3.29 3.88 17.09
CA ILE A 120 -2.29 3.36 16.15
C ILE A 120 -2.92 2.43 15.11
N HIS A 121 -2.36 2.38 13.90
CA HIS A 121 -2.82 1.51 12.80
C HIS A 121 -1.67 0.71 12.20
N GLU A 122 -1.87 -0.60 12.05
CA GLU A 122 -0.90 -1.51 11.45
C GLU A 122 -1.42 -2.02 10.09
N GLN A 123 -0.73 -1.64 9.01
CA GLN A 123 -1.05 -2.01 7.64
C GLN A 123 -0.68 -3.48 7.31
N ASN A 124 0.48 -3.96 7.81
CA ASN A 124 1.06 -5.27 7.54
C ASN A 124 0.45 -6.42 8.34
N ALA A 125 0.79 -7.68 7.96
CA ALA A 125 0.32 -8.91 8.59
C ALA A 125 1.07 -9.22 9.88
N VAL A 126 2.29 -8.64 10.05
CA VAL A 126 3.10 -8.78 11.26
C VAL A 126 3.31 -7.35 11.77
N ALA A 127 3.00 -7.09 13.05
CA ALA A 127 3.17 -5.77 13.67
C ALA A 127 4.61 -5.28 13.63
N GLY A 128 4.78 -3.97 13.38
CA GLY A 128 6.08 -3.32 13.33
C GLY A 128 6.61 -3.04 14.73
N THR A 129 7.96 -2.94 14.87
CA THR A 129 8.64 -2.70 16.16
C THR A 129 8.09 -1.47 16.90
N ALA A 130 7.78 -0.38 16.16
CA ALA A 130 7.22 0.84 16.73
C ALA A 130 5.80 0.59 17.27
N ASN A 131 4.93 -0.05 16.45
CA ASN A 131 3.55 -0.42 16.80
C ASN A 131 3.50 -1.36 18.03
N ARG A 132 4.48 -2.26 18.18
CA ARG A 132 4.59 -3.14 19.36
C ARG A 132 4.96 -2.33 20.60
N SER A 133 5.86 -1.35 20.45
CA SER A 133 6.29 -0.46 21.54
C SER A 133 5.18 0.54 21.93
N LEU A 134 4.39 1.02 20.93
CA LEU A 134 3.33 2.01 21.13
C LEU A 134 1.98 1.44 21.54
N ALA A 135 1.64 0.21 21.11
CA ALA A 135 0.36 -0.45 21.43
C ALA A 135 -0.07 -0.33 22.91
N PRO A 136 0.80 -0.57 23.93
CA PRO A 136 0.34 -0.42 25.32
C PRO A 136 -0.04 0.99 25.75
N ILE A 137 0.46 2.02 25.06
CA ILE A 137 0.17 3.42 25.40
C ILE A 137 -0.98 4.08 24.58
N ALA A 138 -1.46 3.38 23.54
CA ALA A 138 -2.57 3.78 22.67
C ALA A 138 -3.92 3.43 23.27
N ARG A 139 -4.97 4.24 22.99
CA ARG A 139 -6.35 4.02 23.46
C ARG A 139 -7.02 2.95 22.60
N ARG A 140 -6.69 2.93 21.28
CA ARG A 140 -7.21 1.97 20.30
C ARG A 140 -6.08 1.50 19.38
N VAL A 141 -6.02 0.20 19.11
CA VAL A 141 -5.02 -0.40 18.23
C VAL A 141 -5.75 -0.96 17.03
N CYS A 142 -5.59 -0.29 15.88
CA CYS A 142 -6.26 -0.69 14.64
C CYS A 142 -5.36 -1.58 13.81
N GLU A 143 -5.90 -2.72 13.40
CA GLU A 143 -5.14 -3.68 12.62
C GLU A 143 -5.76 -3.88 11.28
N ALA A 144 -4.93 -4.10 10.24
CA ALA A 144 -5.42 -4.35 8.90
C ALA A 144 -5.81 -5.83 8.75
N PHE A 145 -4.85 -6.72 9.08
CA PHE A 145 -4.98 -8.18 8.99
C PHE A 145 -5.33 -8.81 10.34
N PRO A 146 -6.11 -9.91 10.41
CA PRO A 146 -6.40 -10.51 11.72
C PRO A 146 -5.16 -11.21 12.30
N ASP A 147 -5.18 -11.50 13.63
CA ASP A 147 -4.10 -12.17 14.38
C ASP A 147 -2.77 -11.38 14.49
N THR A 148 -2.71 -10.15 13.94
CA THR A 148 -1.50 -9.32 13.97
C THR A 148 -1.11 -8.84 15.37
N PHE A 149 -2.11 -8.51 16.21
CA PHE A 149 -1.95 -8.09 17.60
C PHE A 149 -2.60 -9.15 18.53
N PRO A 150 -1.84 -9.73 19.49
CA PRO A 150 -2.44 -10.76 20.37
C PRO A 150 -3.29 -10.16 21.49
N ALA A 151 -4.56 -9.83 21.17
CA ALA A 151 -5.52 -9.25 22.12
C ALA A 151 -6.94 -9.70 21.84
N ARG A 155 -8.20 -3.19 20.85
CA ARG A 155 -7.87 -3.78 19.56
C ARG A 155 -9.13 -3.96 18.68
N LEU A 156 -9.02 -3.57 17.38
CA LEU A 156 -10.11 -3.70 16.41
C LEU A 156 -9.60 -3.86 14.97
N THR A 157 -10.21 -4.81 14.25
CA THR A 157 -9.88 -5.17 12.87
C THR A 157 -10.69 -4.30 11.91
N THR A 158 -10.07 -3.20 11.47
CA THR A 158 -10.69 -2.21 10.58
C THR A 158 -10.39 -2.51 9.12
N GLY A 159 -9.23 -3.09 8.87
CA GLY A 159 -8.73 -3.35 7.53
C GLY A 159 -7.83 -2.19 7.15
N ASN A 160 -7.38 -2.14 5.91
CA ASN A 160 -6.53 -1.03 5.47
C ASN A 160 -7.35 0.09 4.85
N PRO A 161 -7.19 1.36 5.31
CA PRO A 161 -7.94 2.47 4.71
C PRO A 161 -7.52 2.71 3.25
N VAL A 162 -8.41 2.37 2.27
CA VAL A 162 -8.15 2.50 0.84
C VAL A 162 -8.94 3.67 0.22
N ARG A 163 -8.33 4.38 -0.75
CA ARG A 163 -8.90 5.53 -1.49
C ARG A 163 -10.21 5.09 -2.17
N GLY A 164 -11.29 5.81 -1.88
CA GLY A 164 -12.63 5.54 -2.40
C GLY A 164 -12.70 5.22 -3.88
N GLU A 165 -11.83 5.84 -4.68
CA GLU A 165 -11.72 5.71 -6.15
C GLU A 165 -11.23 4.32 -6.59
N LEU A 166 -10.41 3.67 -5.75
CA LEU A 166 -9.83 2.36 -6.02
C LEU A 166 -10.81 1.20 -5.85
N PHE A 167 -12.04 1.48 -5.38
CA PHE A 167 -13.12 0.49 -5.20
C PHE A 167 -13.91 0.33 -6.51
N LEU A 168 -13.73 -0.82 -7.17
CA LEU A 168 -14.36 -1.12 -8.47
C LEU A 168 -15.28 -2.33 -8.41
N ASP A 169 -16.32 -2.37 -9.26
CA ASP A 169 -17.21 -3.53 -9.31
C ASP A 169 -16.81 -4.47 -10.45
N ALA A 170 -17.48 -5.65 -10.60
CA ALA A 170 -17.19 -6.61 -11.66
C ALA A 170 -17.63 -6.11 -13.07
N HIS A 171 -18.16 -4.88 -13.14
CA HIS A 171 -18.56 -4.28 -14.40
C HIS A 171 -17.54 -3.24 -14.88
N ALA A 172 -16.53 -2.91 -14.04
CA ALA A 172 -15.48 -1.94 -14.33
C ALA A 172 -14.67 -2.27 -15.58
N ARG A 173 -14.58 -3.56 -15.94
CA ARG A 173 -13.85 -3.92 -17.14
C ARG A 173 -14.58 -4.80 -18.14
N ALA A 174 -14.18 -4.71 -19.42
CA ALA A 174 -14.76 -5.46 -20.52
C ALA A 174 -14.54 -6.97 -20.38
N PRO A 175 -15.41 -7.83 -20.96
CA PRO A 175 -15.17 -9.28 -20.87
C PRO A 175 -13.81 -9.66 -21.48
N LEU A 176 -13.18 -10.70 -20.92
CA LEU A 176 -11.85 -11.16 -21.35
C LEU A 176 -11.87 -11.96 -22.64
N THR A 177 -12.94 -12.74 -22.85
CA THR A 177 -13.19 -13.60 -24.00
C THR A 177 -12.97 -12.86 -25.35
N GLY A 178 -11.97 -13.31 -26.11
CA GLY A 178 -11.60 -12.76 -27.42
C GLY A 178 -10.88 -11.43 -27.37
N ARG A 179 -10.17 -11.17 -26.25
CA ARG A 179 -9.46 -9.92 -26.00
C ARG A 179 -8.09 -10.22 -25.36
N ARG A 180 -7.08 -9.38 -25.67
CA ARG A 180 -5.75 -9.48 -25.08
C ARG A 180 -5.85 -9.07 -23.61
N VAL A 181 -5.21 -9.84 -22.73
CA VAL A 181 -5.13 -9.55 -21.29
C VAL A 181 -4.25 -8.29 -21.12
N ASN A 182 -4.57 -7.45 -20.13
CA ASN A 182 -3.79 -6.26 -19.79
C ASN A 182 -2.97 -6.62 -18.52
N LEU A 183 -1.64 -6.55 -18.64
CA LEU A 183 -0.73 -6.84 -17.54
C LEU A 183 -0.13 -5.58 -16.92
N LEU A 184 -0.36 -5.40 -15.61
CA LEU A 184 0.16 -4.30 -14.81
C LEU A 184 1.20 -4.83 -13.85
N VAL A 185 2.43 -4.32 -13.94
CA VAL A 185 3.53 -4.74 -13.07
C VAL A 185 3.82 -3.59 -12.09
N LEU A 186 3.65 -3.86 -10.78
CA LEU A 186 3.85 -2.84 -9.73
C LEU A 186 5.12 -3.00 -8.91
N GLY A 187 5.78 -1.85 -8.72
CA GLY A 187 7.06 -1.63 -8.05
C GLY A 187 7.35 -2.20 -6.67
N GLY A 188 6.77 -1.68 -5.57
CA GLY A 188 5.70 -0.69 -5.52
C GLY A 188 6.15 0.76 -5.48
N SER A 189 5.91 1.42 -4.34
CA SER A 189 6.21 2.83 -4.09
C SER A 189 7.60 3.34 -4.48
N LEU A 190 8.63 2.52 -4.31
CA LEU A 190 9.99 2.89 -4.69
C LEU A 190 10.35 2.28 -6.04
N GLY A 191 9.68 1.18 -6.37
CA GLY A 191 9.90 0.50 -7.64
C GLY A 191 10.93 -0.61 -7.54
N ALA A 192 10.61 -1.65 -6.80
CA ALA A 192 11.50 -2.80 -6.67
C ALA A 192 12.31 -2.96 -7.94
N GLU A 193 13.55 -3.45 -7.80
CA GLU A 193 14.43 -3.66 -8.94
C GLU A 193 14.12 -4.98 -9.64
N PRO A 194 14.48 -6.08 -8.99
CA PRO A 194 14.24 -7.42 -9.55
C PRO A 194 13.14 -7.41 -10.61
N LEU A 195 11.89 -7.33 -10.16
CA LEU A 195 10.75 -7.31 -11.07
C LEU A 195 11.11 -6.63 -12.39
N ASN A 196 11.86 -5.54 -12.31
CA ASN A 196 12.28 -4.80 -13.50
C ASN A 196 13.14 -5.66 -14.43
N LYS A 197 13.91 -6.60 -13.85
CA LYS A 197 14.80 -7.53 -14.57
C LYS A 197 14.05 -8.79 -15.04
N LEU A 198 13.30 -9.42 -14.12
CA LEU A 198 12.54 -10.66 -14.35
C LEU A 198 11.46 -10.54 -15.42
N LEU A 199 10.73 -9.41 -15.45
CA LEU A 199 9.61 -9.20 -16.39
C LEU A 199 9.93 -9.19 -17.91
N PRO A 200 10.91 -8.41 -18.44
CA PRO A 200 11.18 -8.47 -19.89
C PRO A 200 11.68 -9.85 -20.34
N GLU A 201 12.60 -10.45 -19.55
CA GLU A 201 13.14 -11.78 -19.82
C GLU A 201 12.01 -12.83 -19.85
N ALA A 202 11.09 -12.78 -18.84
CA ALA A 202 9.96 -13.70 -18.74
C ALA A 202 8.92 -13.49 -19.84
N LEU A 203 8.57 -12.22 -20.14
CA LEU A 203 7.58 -11.89 -21.17
C LEU A 203 7.99 -12.25 -22.61
N ALA A 204 9.31 -12.37 -22.87
CA ALA A 204 9.84 -12.75 -24.19
C ALA A 204 9.60 -14.23 -24.49
N GLN A 205 9.49 -15.06 -23.43
CA GLN A 205 9.27 -16.51 -23.54
C GLN A 205 7.80 -16.89 -23.73
N VAL A 206 6.88 -15.92 -23.57
CA VAL A 206 5.43 -16.05 -23.73
C VAL A 206 5.09 -15.76 -25.21
N PRO A 207 4.49 -16.73 -25.96
CA PRO A 207 4.16 -16.49 -27.39
C PRO A 207 3.43 -15.17 -27.65
N LEU A 208 3.89 -14.42 -28.67
CA LEU A 208 3.30 -13.13 -29.04
C LEU A 208 1.83 -13.17 -29.45
N GLU A 209 1.28 -14.39 -29.64
CA GLU A 209 -0.13 -14.65 -29.96
C GLU A 209 -0.99 -14.50 -28.70
N ILE A 210 -0.40 -14.77 -27.52
CA ILE A 210 -1.05 -14.76 -26.20
C ILE A 210 -0.48 -13.68 -25.26
N ARG A 211 0.69 -13.08 -25.62
CA ARG A 211 1.39 -12.06 -24.85
C ARG A 211 0.45 -10.91 -24.47
N PRO A 212 0.41 -10.53 -23.17
CA PRO A 212 -0.51 -9.46 -22.76
C PRO A 212 0.02 -8.06 -23.04
N ALA A 213 -0.85 -7.03 -22.99
CA ALA A 213 -0.44 -5.63 -23.11
C ALA A 213 0.21 -5.29 -21.75
N ILE A 214 1.33 -4.56 -21.76
CA ILE A 214 2.09 -4.27 -20.54
C ILE A 214 2.25 -2.79 -20.18
N ARG A 215 2.04 -2.48 -18.88
CA ARG A 215 2.24 -1.23 -18.18
C ARG A 215 3.09 -1.62 -16.96
N HIS A 216 4.37 -1.21 -16.95
CA HIS A 216 5.31 -1.57 -15.89
C HIS A 216 5.65 -0.34 -15.03
N GLN A 217 5.39 -0.42 -13.72
CA GLN A 217 5.72 0.65 -12.77
C GLN A 217 7.06 0.25 -12.14
N ALA A 218 8.14 0.77 -12.71
CA ALA A 218 9.50 0.51 -12.25
C ALA A 218 9.81 1.46 -11.07
N GLY A 219 11.08 1.66 -10.77
CA GLY A 219 11.48 2.61 -9.74
C GLY A 219 11.62 4.01 -10.33
N ARG A 220 11.77 5.01 -9.45
CA ARG A 220 12.00 6.41 -9.87
C ARG A 220 13.35 6.48 -10.59
N GLN A 221 14.34 5.66 -10.15
CA GLN A 221 15.66 5.63 -10.78
C GLN A 221 15.82 4.47 -11.78
N HIS A 222 14.77 3.65 -11.93
CA HIS A 222 14.78 2.48 -12.80
C HIS A 222 13.85 2.51 -14.02
N ALA A 223 13.08 3.59 -14.22
CA ALA A 223 12.16 3.70 -15.36
C ALA A 223 12.85 3.68 -16.74
N GLU A 224 14.00 4.38 -16.86
CA GLU A 224 14.76 4.51 -18.12
C GLU A 224 15.45 3.20 -18.52
N ILE A 225 15.95 2.45 -17.53
CA ILE A 225 16.66 1.18 -17.73
C ILE A 225 15.70 0.01 -18.02
N THR A 226 14.53 -0.05 -17.33
CA THR A 226 13.50 -1.08 -17.52
C THR A 226 12.92 -1.00 -18.93
N ALA A 227 12.86 0.22 -19.50
CA ALA A 227 12.41 0.47 -20.87
C ALA A 227 13.36 -0.22 -21.86
N GLU A 228 14.71 -0.06 -21.65
CA GLU A 228 15.75 -0.66 -22.49
C GLU A 228 15.76 -2.17 -22.39
N ARG A 229 15.47 -2.72 -21.18
CA ARG A 229 15.37 -4.17 -20.91
C ARG A 229 14.27 -4.84 -21.77
N TYR A 230 13.11 -4.15 -21.93
CA TYR A 230 11.97 -4.60 -22.75
C TYR A 230 12.30 -4.45 -24.23
N ARG A 231 12.96 -3.34 -24.59
CA ARG A 231 13.40 -2.96 -25.93
C ARG A 231 14.41 -3.94 -26.53
N THR A 232 15.37 -4.44 -25.72
CA THR A 232 16.43 -5.37 -26.15
C THR A 232 15.95 -6.80 -26.43
N VAL A 233 15.01 -7.32 -25.60
CA VAL A 233 14.41 -8.65 -25.78
C VAL A 233 13.21 -8.62 -26.76
N ALA A 234 12.96 -7.43 -27.39
CA ALA A 234 11.89 -7.17 -28.37
C ALA A 234 10.50 -7.50 -27.82
N VAL A 235 10.10 -6.83 -26.72
CA VAL A 235 8.80 -7.06 -26.10
C VAL A 235 7.77 -5.97 -26.53
N GLU A 236 7.53 -4.91 -25.72
CA GLU A 236 6.62 -3.76 -25.94
C GLU A 236 5.87 -3.48 -24.64
N ALA A 237 6.20 -2.36 -23.98
CA ALA A 237 5.61 -1.97 -22.70
C ALA A 237 5.61 -0.46 -22.52
N ASP A 238 4.68 0.04 -21.70
CA ASP A 238 4.53 1.45 -21.33
C ASP A 238 5.10 1.54 -19.90
N VAL A 239 6.44 1.60 -19.83
CA VAL A 239 7.20 1.63 -18.58
C VAL A 239 7.18 3.04 -17.97
N ALA A 240 6.73 3.15 -16.70
CA ALA A 240 6.64 4.44 -16.00
C ALA A 240 7.37 4.42 -14.64
N PRO A 241 7.91 5.56 -14.12
CA PRO A 241 8.54 5.52 -12.79
C PRO A 241 7.53 5.38 -11.64
N PHE A 242 6.40 6.10 -11.76
CA PHE A 242 5.33 6.18 -10.75
C PHE A 242 4.04 6.59 -11.45
N ILE A 243 2.91 6.04 -10.98
CA ILE A 243 1.59 6.30 -11.53
C ILE A 243 0.70 6.97 -10.47
N SER A 244 0.31 8.24 -10.71
CA SER A 244 -0.58 8.96 -9.79
C SER A 244 -2.02 8.54 -10.07
N ASP A 245 -2.30 8.25 -11.35
CA ASP A 245 -3.59 7.82 -11.87
C ASP A 245 -3.80 6.32 -11.61
N MET A 246 -3.84 5.93 -10.32
CA MET A 246 -3.98 4.54 -9.84
C MET A 246 -5.35 3.88 -10.11
N ALA A 247 -6.46 4.64 -9.96
CA ALA A 247 -7.81 4.13 -10.22
C ALA A 247 -7.92 3.71 -11.70
N ALA A 248 -7.29 4.51 -12.59
CA ALA A 248 -7.21 4.28 -14.03
C ALA A 248 -6.33 3.07 -14.35
N ALA A 249 -5.17 2.94 -13.63
CA ALA A 249 -4.20 1.87 -13.78
C ALA A 249 -4.83 0.50 -13.43
N TYR A 250 -5.62 0.46 -12.34
CA TYR A 250 -6.32 -0.73 -11.85
C TYR A 250 -7.49 -1.12 -12.78
N ALA A 251 -8.20 -0.12 -13.34
CA ALA A 251 -9.35 -0.36 -14.24
C ALA A 251 -8.90 -0.95 -15.56
N TRP A 252 -7.73 -0.51 -16.08
CA TRP A 252 -7.12 -1.00 -17.32
C TRP A 252 -6.70 -2.47 -17.14
N ALA A 253 -6.02 -2.79 -16.01
CA ALA A 253 -5.51 -4.13 -15.68
C ALA A 253 -6.56 -5.24 -15.55
N ASP A 254 -6.20 -6.46 -16.01
CA ASP A 254 -6.95 -7.70 -15.89
C ASP A 254 -6.16 -8.63 -14.94
N LEU A 255 -4.81 -8.42 -14.86
CA LEU A 255 -3.86 -9.21 -14.05
C LEU A 255 -2.70 -8.34 -13.52
N VAL A 256 -2.29 -8.58 -12.27
CA VAL A 256 -1.15 -7.85 -11.68
C VAL A 256 -0.03 -8.82 -11.26
N ILE A 257 1.23 -8.43 -11.50
CA ILE A 257 2.43 -9.11 -11.02
C ILE A 257 3.07 -8.03 -10.14
N CYS A 258 3.08 -8.26 -8.82
CA CYS A 258 3.54 -7.24 -7.90
C CYS A 258 4.43 -7.73 -6.78
N ARG A 259 4.81 -6.78 -5.92
CA ARG A 259 5.49 -6.87 -4.65
C ARG A 259 4.34 -6.98 -3.62
N ALA A 260 4.54 -7.71 -2.52
CA ALA A 260 3.47 -7.91 -1.55
C ALA A 260 3.43 -6.94 -0.36
N GLY A 261 3.59 -5.65 -0.65
CA GLY A 261 3.51 -4.60 0.34
C GLY A 261 2.08 -4.46 0.79
N ALA A 262 1.86 -4.14 2.08
CA ALA A 262 0.54 -4.03 2.73
C ALA A 262 -0.59 -3.39 1.92
N LEU A 263 -0.35 -2.21 1.33
CA LEU A 263 -1.35 -1.47 0.59
C LEU A 263 -1.65 -2.01 -0.78
N THR A 264 -0.63 -2.50 -1.54
CA THR A 264 -0.86 -3.09 -2.88
C THR A 264 -1.78 -4.29 -2.72
N VAL A 265 -1.60 -5.07 -1.63
CA VAL A 265 -2.41 -6.23 -1.28
C VAL A 265 -3.86 -5.82 -1.00
N SER A 266 -4.07 -4.76 -0.20
CA SER A 266 -5.38 -4.26 0.19
C SER A 266 -6.09 -3.52 -0.95
N GLU A 267 -5.31 -2.95 -1.88
CA GLU A 267 -5.82 -2.24 -3.03
C GLU A 267 -6.31 -3.20 -4.10
N LEU A 268 -5.63 -4.37 -4.25
CA LEU A 268 -6.02 -5.39 -5.21
C LEU A 268 -7.43 -5.93 -4.90
N THR A 269 -7.80 -5.99 -3.61
CA THR A 269 -9.14 -6.40 -3.16
C THR A 269 -10.17 -5.30 -3.50
N ALA A 270 -9.85 -4.02 -3.16
CA ALA A 270 -10.70 -2.85 -3.45
C ALA A 270 -10.94 -2.76 -4.96
N ALA A 271 -9.89 -3.06 -5.77
CA ALA A 271 -9.95 -3.05 -7.22
C ALA A 271 -10.48 -4.38 -7.78
N GLY A 272 -10.54 -5.41 -6.93
CA GLY A 272 -11.01 -6.75 -7.28
C GLY A 272 -10.17 -7.32 -8.40
N LEU A 273 -8.84 -7.41 -8.16
CA LEU A 273 -7.85 -7.80 -9.17
C LEU A 273 -7.08 -9.08 -8.86
N PRO A 274 -6.96 -10.02 -9.85
CA PRO A 274 -6.09 -11.20 -9.65
C PRO A 274 -4.64 -10.75 -9.66
N ALA A 275 -3.82 -11.38 -8.81
CA ALA A 275 -2.40 -11.02 -8.63
C ALA A 275 -1.49 -12.21 -8.46
N PHE A 276 -0.25 -12.05 -8.94
CA PHE A 276 0.85 -12.97 -8.83
C PHE A 276 1.86 -12.21 -7.99
N LEU A 277 1.94 -12.52 -6.69
CA LEU A 277 2.78 -11.78 -5.73
C LEU A 277 4.19 -12.33 -5.52
N VAL A 278 5.19 -11.44 -5.61
CA VAL A 278 6.63 -11.72 -5.46
C VAL A 278 7.11 -10.97 -4.19
N PRO A 279 6.91 -11.56 -2.99
CA PRO A 279 7.30 -10.86 -1.75
C PRO A 279 8.79 -10.97 -1.47
N ASP A 285 10.54 -9.25 9.41
CA ASP A 285 10.04 -10.56 9.85
C ASP A 285 9.14 -11.22 8.78
N ASP A 286 9.63 -11.28 7.51
CA ASP A 286 8.92 -11.86 6.35
C ASP A 286 7.49 -11.30 6.23
N HIS A 287 7.34 -9.98 6.53
CA HIS A 287 6.12 -9.21 6.54
C HIS A 287 5.33 -9.34 5.24
N GLN A 288 6.03 -9.21 4.08
CA GLN A 288 5.42 -9.29 2.74
C GLN A 288 4.89 -10.68 2.39
N THR A 289 5.63 -11.74 2.74
CA THR A 289 5.23 -13.13 2.47
C THR A 289 3.91 -13.44 3.18
N ARG A 290 3.75 -12.95 4.41
CA ARG A 290 2.53 -13.06 5.23
C ARG A 290 1.41 -12.21 4.66
N ASN A 291 1.74 -11.00 4.11
CA ASN A 291 0.75 -10.10 3.47
C ASN A 291 0.12 -10.80 2.26
N ALA A 292 0.96 -11.42 1.41
CA ALA A 292 0.60 -12.18 0.23
C ALA A 292 -0.28 -13.39 0.56
N GLU A 293 0.02 -14.08 1.70
CA GLU A 293 -0.73 -15.23 2.20
C GLU A 293 -2.23 -15.01 2.37
N PHE A 294 -2.67 -13.82 2.80
CA PHE A 294 -4.10 -13.49 2.97
C PHE A 294 -4.91 -13.53 1.65
N LEU A 295 -4.24 -13.33 0.51
CA LEU A 295 -4.85 -13.43 -0.82
C LEU A 295 -4.78 -14.88 -1.26
N VAL A 296 -3.57 -15.48 -1.14
CA VAL A 296 -3.23 -16.85 -1.47
C VAL A 296 -4.18 -17.86 -0.80
N ARG A 297 -4.38 -17.75 0.53
CA ARG A 297 -5.21 -18.68 1.33
C ARG A 297 -6.61 -18.95 0.79
N SER A 298 -7.23 -17.94 0.16
CA SER A 298 -8.57 -17.98 -0.40
C SER A 298 -8.60 -18.29 -1.91
N GLY A 299 -7.46 -18.15 -2.58
CA GLY A 299 -7.34 -18.35 -4.02
C GLY A 299 -7.47 -17.05 -4.81
N ALA A 300 -7.35 -15.89 -4.13
CA ALA A 300 -7.41 -14.56 -4.75
C ALA A 300 -6.06 -14.22 -5.41
N GLY A 301 -4.97 -14.58 -4.75
CA GLY A 301 -3.61 -14.35 -5.22
C GLY A 301 -2.81 -15.61 -5.38
N ARG A 302 -1.66 -15.49 -6.06
CA ARG A 302 -0.77 -16.64 -6.28
C ARG A 302 0.63 -16.24 -5.80
N LEU A 303 1.24 -17.07 -4.95
CA LEU A 303 2.56 -16.85 -4.35
C LEU A 303 3.70 -17.31 -5.24
N LEU A 304 4.52 -16.37 -5.73
CA LEU A 304 5.67 -16.67 -6.57
C LEU A 304 6.96 -16.18 -5.87
N PRO A 305 7.63 -17.01 -5.02
CA PRO A 305 8.82 -16.53 -4.29
C PRO A 305 9.97 -16.08 -5.19
N GLN A 306 10.60 -14.94 -4.86
CA GLN A 306 11.70 -14.35 -5.63
C GLN A 306 12.90 -15.30 -5.83
N LYS A 307 13.42 -15.87 -4.72
CA LYS A 307 14.58 -16.77 -4.71
C LYS A 307 14.45 -18.01 -5.60
N SER A 308 13.21 -18.45 -5.89
CA SER A 308 12.93 -19.63 -6.69
C SER A 308 12.61 -19.33 -8.15
N THR A 309 11.49 -18.61 -8.41
CA THR A 309 10.96 -18.28 -9.74
C THR A 309 11.90 -17.56 -10.72
N GLY A 310 12.29 -18.29 -11.76
CA GLY A 310 13.13 -17.77 -12.83
C GLY A 310 12.26 -17.27 -13.97
N ALA A 311 12.88 -16.65 -15.00
CA ALA A 311 12.16 -16.10 -16.16
C ALA A 311 11.30 -17.16 -16.88
N ALA A 312 11.81 -18.41 -16.97
CA ALA A 312 11.13 -19.57 -17.56
C ALA A 312 9.88 -19.99 -16.77
N GLU A 313 9.95 -19.94 -15.44
CA GLU A 313 8.86 -20.33 -14.54
C GLU A 313 7.72 -19.33 -14.49
N LEU A 314 8.01 -18.01 -14.52
CA LEU A 314 6.98 -16.96 -14.56
C LEU A 314 6.22 -17.06 -15.89
N ALA A 315 6.95 -17.20 -17.04
CA ALA A 315 6.38 -17.34 -18.39
C ALA A 315 5.34 -18.46 -18.46
N ALA A 316 5.68 -19.67 -17.91
CA ALA A 316 4.83 -20.85 -17.83
C ALA A 316 3.58 -20.59 -16.98
N GLN A 317 3.73 -19.91 -15.82
CA GLN A 317 2.62 -19.54 -14.93
C GLN A 317 1.68 -18.53 -15.61
N LEU A 318 2.24 -17.57 -16.36
CA LEU A 318 1.50 -16.56 -17.11
C LEU A 318 0.76 -17.23 -18.28
N SER A 319 1.50 -18.04 -19.07
CA SER A 319 0.98 -18.81 -20.22
C SER A 319 -0.30 -19.59 -19.93
N GLU A 320 -0.41 -20.24 -18.75
CA GLU A 320 -1.62 -20.98 -18.35
C GLU A 320 -2.86 -20.11 -18.10
N VAL A 321 -2.67 -18.89 -17.54
CA VAL A 321 -3.79 -17.98 -17.31
C VAL A 321 -4.17 -17.20 -18.56
N LEU A 322 -3.23 -17.02 -19.49
CA LEU A 322 -3.51 -16.35 -20.76
C LEU A 322 -4.25 -17.36 -21.66
N MET A 323 -3.79 -18.64 -21.69
CA MET A 323 -4.43 -19.73 -22.46
C MET A 323 -5.84 -20.04 -21.94
N HIS A 324 -6.07 -19.81 -20.63
CA HIS A 324 -7.33 -20.05 -19.91
C HIS A 324 -7.66 -18.81 -19.04
N PRO A 325 -8.17 -17.69 -19.64
CA PRO A 325 -8.45 -16.49 -18.82
C PRO A 325 -9.61 -16.58 -17.83
N GLU A 326 -10.48 -17.63 -17.95
CA GLU A 326 -11.60 -17.89 -17.03
C GLU A 326 -11.04 -18.02 -15.58
N THR A 327 -9.73 -18.39 -15.46
CA THR A 327 -8.95 -18.49 -14.23
C THR A 327 -8.87 -17.12 -13.52
N LEU A 328 -8.65 -16.04 -14.31
CA LEU A 328 -8.55 -14.66 -13.82
C LEU A 328 -9.86 -14.15 -13.21
N ARG A 329 -11.03 -14.56 -13.79
CA ARG A 329 -12.37 -14.20 -13.30
C ARG A 329 -12.66 -14.79 -11.94
N SER A 330 -12.29 -16.09 -11.70
CA SER A 330 -12.45 -16.74 -10.38
C SER A 330 -11.57 -16.07 -9.33
N MET A 331 -10.29 -15.77 -9.68
CA MET A 331 -9.35 -15.07 -8.80
C MET A 331 -9.87 -13.67 -8.44
N ALA A 332 -10.48 -12.95 -9.42
CA ALA A 332 -11.04 -11.59 -9.27
C ALA A 332 -12.29 -11.56 -8.38
N ASP A 333 -13.16 -12.59 -8.51
CA ASP A 333 -14.40 -12.76 -7.73
C ASP A 333 -14.09 -12.94 -6.24
N GLN A 334 -13.04 -13.71 -5.95
CA GLN A 334 -12.56 -13.97 -4.60
C GLN A 334 -11.93 -12.72 -4.00
N ALA A 335 -11.09 -12.01 -4.79
CA ALA A 335 -10.40 -10.77 -4.39
C ALA A 335 -11.40 -9.66 -3.99
N ARG A 336 -12.42 -9.42 -4.84
CA ARG A 336 -13.52 -8.47 -4.59
C ARG A 336 -14.18 -8.68 -3.22
N SER A 337 -14.39 -9.96 -2.81
CA SER A 337 -15.01 -10.34 -1.54
C SER A 337 -14.12 -10.04 -0.32
N LEU A 338 -12.79 -9.95 -0.52
CA LEU A 338 -11.83 -9.69 0.56
C LEU A 338 -11.69 -8.20 0.88
N ALA A 339 -12.29 -7.34 0.04
CA ALA A 339 -12.29 -5.88 0.21
C ALA A 339 -13.06 -5.48 1.47
N LYS A 340 -12.58 -4.42 2.14
CA LYS A 340 -13.19 -3.87 3.34
C LYS A 340 -13.43 -2.36 3.13
N PRO A 341 -14.56 -2.00 2.49
CA PRO A 341 -14.83 -0.58 2.18
C PRO A 341 -15.00 0.39 3.34
N GLU A 342 -15.41 -0.09 4.54
CA GLU A 342 -15.58 0.74 5.75
C GLU A 342 -14.30 0.87 6.60
N ALA A 343 -13.13 0.50 6.03
CA ALA A 343 -11.84 0.56 6.71
C ALA A 343 -11.46 1.97 7.12
N THR A 344 -11.75 2.98 6.27
CA THR A 344 -11.42 4.37 6.54
C THR A 344 -12.32 4.97 7.65
N ARG A 345 -13.65 4.80 7.53
CA ARG A 345 -14.66 5.33 8.46
C ARG A 345 -14.43 4.83 9.88
N THR A 346 -14.19 3.50 10.04
CA THR A 346 -14.00 2.85 11.34
C THR A 346 -12.72 3.22 12.07
N VAL A 347 -11.67 3.59 11.32
CA VAL A 347 -10.39 4.05 11.86
C VAL A 347 -10.63 5.46 12.44
N VAL A 348 -11.30 6.31 11.66
CA VAL A 348 -11.63 7.69 12.05
C VAL A 348 -12.67 7.70 13.18
N ASP A 349 -13.60 6.72 13.17
CA ASP A 349 -14.62 6.53 14.21
C ASP A 349 -13.96 6.17 15.53
N ALA A 350 -12.89 5.35 15.47
CA ALA A 350 -12.10 4.91 16.62
C ALA A 350 -11.29 6.06 17.20
N CYS A 351 -10.88 7.02 16.34
CA CYS A 351 -10.13 8.21 16.76
C CYS A 351 -11.07 9.20 17.46
N LEU A 352 -12.23 9.50 16.83
CA LEU A 352 -13.23 10.44 17.31
C LEU A 352 -14.11 9.99 18.48
N GLU A 353 -14.10 8.69 18.81
CA GLU A 353 -14.82 8.14 19.95
C GLU A 353 -14.02 8.43 21.26
N VAL A 354 -12.67 8.44 21.15
CA VAL A 354 -11.73 8.69 22.26
C VAL A 354 -11.26 10.15 22.36
N ALA A 355 -11.47 10.94 21.28
CA ALA A 355 -11.11 12.36 21.18
C ALA A 355 -12.05 13.19 22.04
#